data_7XLZ
#
_entry.id   7XLZ
#
_cell.length_a   64.622
_cell.length_b   58.466
_cell.length_c   70.650
_cell.angle_alpha   90.000
_cell.angle_beta   114.180
_cell.angle_gamma   90.000
#
_symmetry.space_group_name_H-M   'P 1 21 1'
#
loop_
_entity.id
_entity.type
_entity.pdbx_description
1 polymer 'Siderophore-interacting protein'
2 non-polymer 'FLAVIN-ADENINE DINUCLEOTIDE'
3 water water
#
_entity_poly.entity_id   1
_entity_poly.type   'polypeptide(L)'
_entity_poly.pdbx_seq_one_letter_code
;GAMVKKETEPKRSFYPLTVADSQQISPSLQRITLQGDSIGHFTLENEGDYIKLLFSEDGGTDLSRLTPDQRQIMRTYTIR
SFDATNNRIEIDFVRHEAEDKQCGFAVRWAMHTAIGDTISIAGPGKAQGLNPNGKWFFLAADMTAIPALAAQLKRLPRDA
KGYAVIEIEHVDDKQALQAPENIEISWVVKDSSTNLATSVIEKNWLGENGSVWCACEFDTMRALREYFRNEKEIAKDYIY
ISSYWKRGVSEDGHKQLKQTDAQTQS
;
_entity_poly.pdbx_strand_id   A,B
#
# COMPACT_ATOMS: atom_id res chain seq x y z
N SER A 13 -14.93 23.57 -7.76
CA SER A 13 -14.11 23.52 -6.55
C SER A 13 -12.63 23.44 -6.86
N PHE A 14 -11.88 24.37 -6.30
CA PHE A 14 -10.42 24.37 -6.41
C PHE A 14 -9.87 24.22 -5.01
N TYR A 15 -8.79 23.45 -4.89
CA TYR A 15 -8.19 23.18 -3.58
C TYR A 15 -6.76 23.70 -3.55
N PRO A 16 -6.44 24.65 -2.65
CA PRO A 16 -5.08 25.19 -2.59
C PRO A 16 -4.16 24.25 -1.84
N LEU A 17 -2.95 24.04 -2.38
CA LEU A 17 -1.98 23.11 -1.81
C LEU A 17 -0.61 23.76 -1.77
N THR A 18 0.29 23.16 -0.99
CA THR A 18 1.67 23.59 -0.86
C THR A 18 2.60 22.47 -1.29
N VAL A 19 3.69 22.84 -1.96
CA VAL A 19 4.72 21.87 -2.33
C VAL A 19 5.46 21.45 -1.06
N ALA A 20 5.37 20.17 -0.74
CA ALA A 20 6.01 19.61 0.44
C ALA A 20 7.29 18.85 0.12
N ASP A 21 7.44 18.36 -1.10
CA ASP A 21 8.66 17.64 -1.49
C ASP A 21 8.74 17.67 -3.01
N SER A 22 9.96 17.53 -3.52
CA SER A 22 10.20 17.44 -4.96
C SER A 22 11.48 16.64 -5.14
N GLN A 23 11.39 15.53 -5.87
CA GLN A 23 12.49 14.59 -5.99
C GLN A 23 12.60 14.15 -7.44
N GLN A 24 13.82 14.08 -7.95
CA GLN A 24 14.05 13.51 -9.26
C GLN A 24 14.20 12.02 -9.06
N ILE A 25 13.21 11.26 -9.50
CA ILE A 25 13.20 9.82 -9.24
C ILE A 25 14.03 9.07 -10.26
N SER A 26 14.03 9.53 -11.50
CA SER A 26 14.73 8.89 -12.60
C SER A 26 14.90 9.95 -13.67
N PRO A 27 15.63 9.65 -14.76
CA PRO A 27 15.91 10.71 -15.73
C PRO A 27 14.67 11.41 -16.26
N SER A 28 13.57 10.68 -16.42
CA SER A 28 12.37 11.25 -17.03
C SER A 28 11.31 11.67 -16.04
N LEU A 29 11.54 11.57 -14.73
CA LEU A 29 10.45 11.71 -13.76
C LEU A 29 10.84 12.56 -12.57
N GLN A 30 10.03 13.59 -12.33
CA GLN A 30 10.09 14.39 -11.11
C GLN A 30 8.81 14.09 -10.32
N ARG A 31 8.96 13.65 -9.09
CA ARG A 31 7.83 13.36 -8.21
C ARG A 31 7.66 14.52 -7.24
N ILE A 32 6.50 15.17 -7.30
CA ILE A 32 6.19 16.33 -6.46
C ILE A 32 5.10 15.93 -5.50
N THR A 33 5.28 16.30 -4.23
CA THR A 33 4.31 16.03 -3.20
C THR A 33 3.63 17.33 -2.83
N LEU A 34 2.31 17.35 -2.91
CA LEU A 34 1.51 18.50 -2.55
C LEU A 34 0.71 18.19 -1.29
N GLN A 35 0.55 19.17 -0.43
CA GLN A 35 -0.04 18.96 0.90
C GLN A 35 -1.02 20.06 1.23
N GLY A 36 -2.08 19.67 1.94
CA GLY A 36 -2.97 20.66 2.51
C GLY A 36 -4.24 20.09 3.06
N ASP A 37 -4.79 20.75 4.07
CA ASP A 37 -6.06 20.31 4.62
C ASP A 37 -7.19 20.47 3.62
N SER A 38 -7.01 21.25 2.56
CA SER A 38 -8.06 21.39 1.56
C SER A 38 -8.39 20.07 0.86
N ILE A 39 -7.50 19.07 0.93
CA ILE A 39 -7.74 17.76 0.34
C ILE A 39 -7.91 16.67 1.40
N GLY A 40 -8.19 17.06 2.65
CA GLY A 40 -8.35 16.08 3.70
C GLY A 40 -9.55 15.19 3.53
N HIS A 41 -10.47 15.54 2.63
CA HIS A 41 -11.63 14.72 2.31
C HIS A 41 -11.30 13.66 1.26
N PHE A 42 -10.10 13.67 0.66
CA PHE A 42 -9.73 12.58 -0.23
C PHE A 42 -9.61 11.29 0.57
N THR A 43 -9.65 10.17 -0.15
CA THR A 43 -9.30 8.86 0.39
C THR A 43 -8.42 8.14 -0.60
N LEU A 44 -7.94 6.95 -0.21
CA LEU A 44 -7.11 6.19 -1.13
C LEU A 44 -7.86 5.77 -2.38
N GLU A 45 -9.20 5.82 -2.37
CA GLU A 45 -9.95 5.56 -3.60
C GLU A 45 -9.72 6.63 -4.66
N ASN A 46 -9.15 7.76 -4.30
CA ASN A 46 -8.81 8.79 -5.28
C ASN A 46 -7.49 8.53 -5.97
N GLU A 47 -6.70 7.55 -5.54
CA GLU A 47 -5.49 7.21 -6.27
C GLU A 47 -5.86 6.73 -7.67
N GLY A 48 -5.18 7.29 -8.67
CA GLY A 48 -5.50 7.01 -10.05
C GLY A 48 -6.49 7.98 -10.67
N ASP A 49 -7.22 8.75 -9.87
CA ASP A 49 -8.09 9.78 -10.42
C ASP A 49 -7.21 10.85 -11.06
N TYR A 50 -7.81 11.63 -11.97
CA TYR A 50 -7.11 12.75 -12.57
C TYR A 50 -7.54 14.03 -11.86
N ILE A 51 -6.61 14.98 -11.77
CA ILE A 51 -6.82 16.31 -11.26
C ILE A 51 -6.33 17.28 -12.32
N LYS A 52 -6.66 18.55 -12.13
CA LYS A 52 -6.20 19.62 -13.00
C LYS A 52 -5.35 20.58 -12.18
N LEU A 53 -4.14 20.82 -12.63
CA LEU A 53 -3.31 21.88 -12.08
C LEU A 53 -3.72 23.19 -12.73
N LEU A 54 -3.80 24.25 -11.93
CA LEU A 54 -4.36 25.51 -12.38
C LEU A 54 -3.29 26.58 -12.48
N PHE A 55 -3.22 27.21 -13.65
CA PHE A 55 -2.24 28.26 -13.92
C PHE A 55 -2.97 29.49 -14.46
N SER A 56 -2.36 30.63 -14.25
CA SER A 56 -2.78 31.81 -14.99
C SER A 56 -2.06 31.81 -16.33
N GLU A 57 -2.53 32.67 -17.22
CA GLU A 57 -1.96 32.70 -18.57
C GLU A 57 -0.48 33.08 -18.54
N ASP A 58 0.00 33.75 -17.50
CA ASP A 58 1.41 34.09 -17.43
C ASP A 58 2.25 32.95 -16.91
N GLY A 59 1.66 31.77 -16.68
CA GLY A 59 2.38 30.61 -16.26
C GLY A 59 2.55 30.46 -14.76
N GLY A 60 2.15 31.45 -13.98
CA GLY A 60 2.21 31.35 -12.54
C GLY A 60 1.01 30.60 -11.98
N THR A 61 1.06 30.32 -10.68
CA THR A 61 -0.02 29.60 -10.02
C THR A 61 -0.86 30.48 -9.13
N ASP A 62 -0.54 31.77 -9.07
CA ASP A 62 -1.31 32.73 -8.29
C ASP A 62 -2.50 33.13 -9.15
N LEU A 63 -3.68 32.64 -8.78
CA LEU A 63 -4.88 32.90 -9.57
C LEU A 63 -5.59 34.16 -9.09
N ARG A 71 -8.67 34.28 -17.88
CA ARG A 71 -8.45 32.96 -18.48
C ARG A 71 -7.52 32.09 -17.63
N GLN A 72 -7.90 30.82 -17.49
CA GLN A 72 -7.17 29.86 -16.67
C GLN A 72 -6.63 28.77 -17.58
N ILE A 73 -5.36 28.41 -17.40
CA ILE A 73 -4.74 27.34 -18.17
C ILE A 73 -4.65 26.13 -17.24
N MET A 74 -5.22 24.99 -17.65
CA MET A 74 -5.27 23.80 -16.82
C MET A 74 -4.44 22.68 -17.43
N ARG A 75 -3.86 21.84 -16.58
CA ARG A 75 -3.12 20.67 -17.04
C ARG A 75 -3.55 19.45 -16.23
N THR A 76 -3.71 18.34 -16.93
CA THR A 76 -4.25 17.13 -16.34
C THR A 76 -3.15 16.17 -15.89
N TYR A 77 -3.21 15.79 -14.62
CA TYR A 77 -2.25 14.88 -14.00
C TYR A 77 -3.00 13.86 -13.15
N THR A 78 -2.34 12.76 -12.86
CA THR A 78 -2.90 11.67 -12.07
C THR A 78 -2.45 11.76 -10.61
N ILE A 79 -3.36 11.45 -9.68
CA ILE A 79 -2.98 11.26 -8.28
C ILE A 79 -2.22 9.93 -8.19
N ARG A 80 -0.92 10.00 -8.02
CA ARG A 80 -0.12 8.78 -7.94
C ARG A 80 -0.34 8.08 -6.60
N SER A 81 -0.45 8.84 -5.52
CA SER A 81 -0.72 8.31 -4.20
C SER A 81 -1.38 9.39 -3.37
N PHE A 82 -2.12 8.95 -2.34
CA PHE A 82 -2.67 9.84 -1.33
C PHE A 82 -2.28 9.30 0.03
N ASP A 83 -1.71 10.18 0.85
CA ASP A 83 -1.31 9.91 2.22
C ASP A 83 -2.43 10.39 3.12
N ALA A 84 -3.14 9.45 3.75
CA ALA A 84 -4.29 9.76 4.59
C ALA A 84 -3.90 10.26 5.97
N THR A 85 -2.62 10.18 6.35
CA THR A 85 -2.20 10.75 7.63
C THR A 85 -2.06 12.25 7.53
N ASN A 86 -1.25 12.74 6.58
CA ASN A 86 -0.91 14.16 6.51
CA ASN A 86 -0.94 14.16 6.53
C ASN A 86 -1.43 14.86 5.28
N ASN A 87 -2.40 14.29 4.58
CA ASN A 87 -3.13 14.98 3.52
C ASN A 87 -2.21 15.43 2.39
N ARG A 88 -1.52 14.45 1.81
CA ARG A 88 -0.57 14.71 0.74
C ARG A 88 -0.88 13.84 -0.48
N ILE A 89 -0.72 14.41 -1.65
CA ILE A 89 -0.72 13.65 -2.90
C ILE A 89 0.66 13.72 -3.52
N GLU A 90 1.04 12.62 -4.17
CA GLU A 90 2.20 12.61 -5.05
C GLU A 90 1.72 12.68 -6.49
N ILE A 91 2.40 13.50 -7.29
CA ILE A 91 2.17 13.64 -8.72
C ILE A 91 3.51 13.40 -9.41
N ASP A 92 3.49 12.53 -10.41
CA ASP A 92 4.68 12.19 -11.18
C ASP A 92 4.65 12.95 -12.51
N PHE A 93 5.60 13.85 -12.67
CA PHE A 93 5.72 14.68 -13.87
C PHE A 93 6.77 14.10 -14.79
N VAL A 94 6.38 13.82 -16.04
CA VAL A 94 7.38 13.53 -17.05
C VAL A 94 8.20 14.77 -17.32
N ARG A 95 9.53 14.63 -17.30
CA ARG A 95 10.44 15.75 -17.47
C ARG A 95 10.70 16.01 -18.97
N HIS A 96 9.65 16.40 -19.67
CA HIS A 96 9.73 16.53 -21.13
C HIS A 96 10.30 17.88 -21.56
N GLU A 97 10.75 17.96 -22.80
CA GLU A 97 11.26 19.23 -23.37
C GLU A 97 11.68 19.07 -24.83
N GLN A 102 7.16 24.76 -28.10
CA GLN A 102 6.58 25.67 -27.11
C GLN A 102 6.73 25.06 -25.73
N CYS A 103 7.09 25.91 -24.77
CA CYS A 103 7.34 25.43 -23.42
C CYS A 103 6.03 25.05 -22.74
N GLY A 104 6.05 23.93 -22.03
CA GLY A 104 4.88 23.50 -21.29
C GLY A 104 4.75 24.22 -19.96
N PHE A 105 3.50 24.48 -19.59
CA PHE A 105 3.19 25.16 -18.33
C PHE A 105 3.51 24.29 -17.12
N ALA A 106 3.00 23.06 -17.13
CA ALA A 106 3.14 22.20 -15.97
C ALA A 106 4.58 21.74 -15.78
N VAL A 107 5.23 21.27 -16.84
CA VAL A 107 6.62 20.81 -16.67
C VAL A 107 7.52 21.96 -16.25
N ARG A 108 7.32 23.15 -16.82
CA ARG A 108 8.15 24.29 -16.42
C ARG A 108 7.95 24.58 -14.94
N TRP A 109 6.70 24.63 -14.49
CA TRP A 109 6.42 24.85 -13.08
C TRP A 109 7.07 23.79 -12.23
N ALA A 110 6.91 22.52 -12.61
CA ALA A 110 7.40 21.42 -11.78
C ALA A 110 8.91 21.42 -11.66
N MET A 111 9.63 21.80 -12.70
CA MET A 111 11.09 21.77 -12.61
C MET A 111 11.65 22.95 -11.85
N HIS A 112 10.91 24.06 -11.77
CA HIS A 112 11.36 25.26 -11.09
C HIS A 112 10.83 25.39 -9.67
N THR A 113 9.75 24.69 -9.34
CA THR A 113 9.09 24.97 -8.06
C THR A 113 9.98 24.55 -6.90
N ALA A 114 9.89 25.33 -5.83
CA ALA A 114 10.59 25.08 -4.59
C ALA A 114 9.59 24.66 -3.53
N ILE A 115 10.05 23.82 -2.61
CA ILE A 115 9.25 23.45 -1.45
C ILE A 115 8.82 24.72 -0.74
N GLY A 116 7.53 24.79 -0.42
CA GLY A 116 6.90 25.97 0.13
C GLY A 116 6.06 26.74 -0.86
N ASP A 117 6.29 26.55 -2.16
CA ASP A 117 5.45 27.18 -3.17
C ASP A 117 4.04 26.61 -3.11
N THR A 118 3.10 27.30 -3.76
CA THR A 118 1.69 26.92 -3.73
C THR A 118 1.16 26.69 -5.13
N ILE A 119 0.12 25.87 -5.23
CA ILE A 119 -0.62 25.64 -6.46
C ILE A 119 -2.00 25.15 -6.06
N SER A 120 -3.01 25.48 -6.86
CA SER A 120 -4.36 24.98 -6.66
C SER A 120 -4.69 23.93 -7.70
N ILE A 121 -5.58 23.01 -7.31
CA ILE A 121 -6.02 21.93 -8.19
C ILE A 121 -7.54 21.88 -8.26
N ALA A 122 -8.03 21.34 -9.37
CA ALA A 122 -9.44 21.01 -9.55
C ALA A 122 -9.57 19.49 -9.71
N GLY A 123 -10.79 18.99 -9.53
CA GLY A 123 -11.05 17.56 -9.66
C GLY A 123 -11.12 17.11 -8.23
N PRO A 124 -10.93 15.82 -7.98
CA PRO A 124 -10.58 14.74 -8.90
C PRO A 124 -11.78 14.15 -9.64
N GLY A 125 -11.49 13.66 -10.84
CA GLY A 125 -12.44 12.92 -11.63
C GLY A 125 -11.91 11.54 -11.98
N LYS A 126 -12.80 10.71 -12.48
CA LYS A 126 -12.48 9.36 -12.88
C LYS A 126 -12.68 9.15 -14.39
N ALA A 127 -12.05 8.10 -14.91
CA ALA A 127 -12.17 7.65 -16.29
C ALA A 127 -12.55 6.17 -16.33
N GLN A 128 -13.00 5.71 -17.50
CA GLN A 128 -13.33 4.29 -17.66
C GLN A 128 -12.14 3.43 -17.26
N GLY A 129 -12.43 2.33 -16.56
CA GLY A 129 -11.39 1.47 -16.06
C GLY A 129 -11.33 0.17 -16.85
N LEU A 130 -10.34 -0.64 -16.50
CA LEU A 130 -10.19 -1.96 -17.10
C LEU A 130 -11.39 -2.82 -16.70
N ASN A 131 -12.06 -3.44 -17.67
CA ASN A 131 -13.24 -4.26 -17.37
C ASN A 131 -12.79 -5.47 -16.57
N PRO A 132 -13.26 -5.65 -15.32
CA PRO A 132 -12.78 -6.77 -14.50
C PRO A 132 -13.26 -8.14 -14.98
N ASN A 133 -14.18 -8.19 -15.93
CA ASN A 133 -14.75 -9.45 -16.39
C ASN A 133 -13.93 -10.12 -17.48
N GLY A 134 -12.83 -9.52 -17.91
CA GLY A 134 -11.96 -10.21 -18.82
C GLY A 134 -11.42 -11.49 -18.22
N LYS A 135 -11.12 -12.46 -19.08
CA LYS A 135 -10.47 -13.69 -18.66
C LYS A 135 -8.95 -13.52 -18.62
N TRP A 136 -8.45 -12.49 -19.26
CA TRP A 136 -7.05 -12.09 -19.18
C TRP A 136 -7.03 -10.60 -19.49
N PHE A 137 -5.89 -9.98 -19.22
CA PHE A 137 -5.80 -8.52 -19.21
C PHE A 137 -4.58 -8.08 -19.99
N PHE A 138 -4.73 -6.97 -20.71
CA PHE A 138 -3.64 -6.38 -21.49
C PHE A 138 -3.62 -4.89 -21.17
N LEU A 139 -2.61 -4.46 -20.42
CA LEU A 139 -2.45 -3.06 -20.07
C LEU A 139 -1.25 -2.51 -20.83
N ALA A 140 -1.35 -1.25 -21.25
CA ALA A 140 -0.28 -0.60 -21.98
C ALA A 140 -0.22 0.86 -21.58
N ALA A 141 1.00 1.38 -21.42
CA ALA A 141 1.17 2.76 -20.99
C ALA A 141 2.48 3.32 -21.52
N ASP A 142 2.50 4.64 -21.77
CA ASP A 142 3.77 5.36 -21.80
C ASP A 142 3.96 6.05 -20.46
N MET A 143 4.98 6.90 -20.36
CA MET A 143 5.36 7.39 -19.03
C MET A 143 4.29 8.28 -18.42
N THR A 144 3.48 8.95 -19.24
CA THR A 144 2.44 9.81 -18.68
C THR A 144 1.38 9.00 -17.96
N ALA A 145 1.28 7.71 -18.25
CA ALA A 145 0.22 6.85 -17.78
C ALA A 145 0.68 5.84 -16.75
N ILE A 146 1.94 5.87 -16.30
CA ILE A 146 2.38 4.90 -15.29
C ILE A 146 1.58 5.03 -14.01
N PRO A 147 1.36 6.22 -13.46
CA PRO A 147 0.56 6.30 -12.22
C PRO A 147 -0.84 5.73 -12.38
N ALA A 148 -1.49 5.99 -13.52
CA ALA A 148 -2.81 5.44 -13.77
C ALA A 148 -2.77 3.92 -13.94
N LEU A 149 -1.75 3.43 -14.64
CA LEU A 149 -1.58 1.99 -14.81
CA LEU A 149 -1.57 2.00 -14.81
C LEU A 149 -1.39 1.32 -13.46
N ALA A 150 -0.58 1.92 -12.59
CA ALA A 150 -0.33 1.34 -11.27
C ALA A 150 -1.62 1.18 -10.51
N ALA A 151 -2.51 2.18 -10.58
CA ALA A 151 -3.80 2.09 -9.91
C ALA A 151 -4.65 0.95 -10.50
N GLN A 152 -4.59 0.76 -11.82
CA GLN A 152 -5.34 -0.35 -12.41
C GLN A 152 -4.79 -1.71 -11.93
N LEU A 153 -3.46 -1.83 -11.84
CA LEU A 153 -2.88 -3.08 -11.37
C LEU A 153 -3.31 -3.39 -9.96
N LYS A 154 -3.39 -2.36 -9.12
CA LYS A 154 -3.76 -2.60 -7.73
C LYS A 154 -5.19 -3.08 -7.59
N ARG A 155 -6.05 -2.73 -8.54
CA ARG A 155 -7.45 -3.12 -8.47
C ARG A 155 -7.72 -4.52 -9.01
N LEU A 156 -6.80 -5.08 -9.79
CA LEU A 156 -7.01 -6.41 -10.32
C LEU A 156 -6.98 -7.46 -9.19
N PRO A 157 -7.74 -8.56 -9.35
CA PRO A 157 -7.58 -9.68 -8.41
C PRO A 157 -6.18 -10.25 -8.50
N ARG A 158 -5.73 -10.86 -7.40
CA ARG A 158 -4.37 -11.36 -7.31
C ARG A 158 -4.09 -12.51 -8.26
N ASP A 159 -5.12 -13.18 -8.78
CA ASP A 159 -4.93 -14.27 -9.74
C ASP A 159 -5.04 -13.81 -11.20
N ALA A 160 -5.10 -12.52 -11.46
CA ALA A 160 -5.23 -12.04 -12.83
C ALA A 160 -4.03 -12.43 -13.68
N LYS A 161 -4.28 -12.70 -14.95
CA LYS A 161 -3.22 -13.06 -15.89
C LYS A 161 -3.24 -12.14 -17.10
N GLY A 162 -2.05 -11.97 -17.70
CA GLY A 162 -1.92 -11.19 -18.91
C GLY A 162 -0.63 -10.41 -18.97
N TYR A 163 -0.70 -9.17 -19.46
CA TYR A 163 0.47 -8.36 -19.75
C TYR A 163 0.26 -6.93 -19.30
N ALA A 164 1.37 -6.30 -18.90
CA ALA A 164 1.46 -4.85 -18.79
C ALA A 164 2.72 -4.43 -19.51
N VAL A 165 2.59 -3.65 -20.58
CA VAL A 165 3.70 -3.21 -21.41
C VAL A 165 3.83 -1.71 -21.22
N ILE A 166 5.03 -1.25 -20.83
CA ILE A 166 5.25 0.15 -20.47
C ILE A 166 6.44 0.70 -21.23
N GLU A 167 6.22 1.81 -21.94
CA GLU A 167 7.29 2.51 -22.63
C GLU A 167 7.90 3.58 -21.74
N ILE A 168 9.23 3.59 -21.71
CA ILE A 168 10.03 4.55 -20.97
C ILE A 168 11.08 5.12 -21.91
N GLU A 169 11.60 6.30 -21.56
CA GLU A 169 12.62 6.96 -22.37
C GLU A 169 14.04 6.56 -22.02
N HIS A 170 14.28 6.08 -20.79
CA HIS A 170 15.59 5.69 -20.35
C HIS A 170 15.46 4.45 -19.47
N VAL A 171 16.43 3.54 -19.57
CA VAL A 171 16.37 2.31 -18.78
C VAL A 171 16.22 2.60 -17.29
N ASP A 172 16.81 3.69 -16.80
CA ASP A 172 16.73 4.02 -15.38
C ASP A 172 15.31 4.42 -14.97
N ASP A 173 14.39 4.62 -15.90
CA ASP A 173 13.01 5.00 -15.58
C ASP A 173 12.16 3.83 -15.09
N LYS A 174 12.64 2.60 -15.18
CA LYS A 174 11.89 1.47 -14.66
C LYS A 174 11.53 1.68 -13.19
N GLN A 175 10.32 1.28 -12.82
CA GLN A 175 9.84 1.33 -11.45
C GLN A 175 9.44 -0.06 -10.97
N ALA A 176 9.47 -0.24 -9.66
CA ALA A 176 8.92 -1.44 -9.04
C ALA A 176 7.41 -1.23 -8.95
N LEU A 177 6.65 -2.00 -9.72
CA LEU A 177 5.21 -1.90 -9.71
C LEU A 177 4.63 -3.15 -9.05
N GLN A 178 3.66 -2.92 -8.18
CA GLN A 178 2.95 -4.01 -7.51
C GLN A 178 1.89 -4.53 -8.48
N ALA A 179 1.93 -5.81 -8.78
CA ALA A 179 1.01 -6.35 -9.77
C ALA A 179 0.71 -7.78 -9.41
N PRO A 180 -0.43 -8.31 -9.85
CA PRO A 180 -0.65 -9.75 -9.73
C PRO A 180 0.49 -10.53 -10.34
N GLU A 181 0.81 -11.67 -9.72
CA GLU A 181 2.01 -12.40 -10.12
C GLU A 181 1.98 -12.82 -11.59
N ASN A 182 0.82 -13.14 -12.14
CA ASN A 182 0.71 -13.61 -13.52
C ASN A 182 0.39 -12.52 -14.53
N ILE A 183 0.50 -11.25 -14.13
CA ILE A 183 0.57 -10.15 -15.07
C ILE A 183 2.04 -9.93 -15.38
N GLU A 184 2.44 -10.24 -16.60
CA GLU A 184 3.84 -10.12 -17.00
C GLU A 184 4.12 -8.67 -17.36
N ILE A 185 4.99 -8.02 -16.61
CA ILE A 185 5.34 -6.63 -16.85
C ILE A 185 6.56 -6.59 -17.76
N SER A 186 6.49 -5.82 -18.85
CA SER A 186 7.62 -5.60 -19.74
CA SER A 186 7.63 -5.60 -19.71
C SER A 186 7.84 -4.11 -19.91
N TRP A 187 9.08 -3.69 -19.80
CA TRP A 187 9.48 -2.31 -19.98
C TRP A 187 10.19 -2.20 -21.31
N VAL A 188 9.81 -1.21 -22.10
CA VAL A 188 10.38 -1.01 -23.43
CA VAL A 188 10.39 -1.01 -23.43
C VAL A 188 10.99 0.39 -23.48
N VAL A 189 12.27 0.46 -23.79
CA VAL A 189 12.96 1.74 -23.86
C VAL A 189 12.87 2.22 -25.31
N LYS A 190 12.20 3.35 -25.48
CA LYS A 190 11.94 3.90 -26.80
C LYS A 190 13.25 4.25 -27.51
N ASP A 191 13.34 3.88 -28.77
CA ASP A 191 14.43 4.32 -29.64
C ASP A 191 13.91 4.23 -31.07
N SER A 192 14.80 4.40 -32.05
CA SER A 192 14.33 4.53 -33.42
C SER A 192 13.66 3.25 -33.93
N SER A 193 13.89 2.11 -33.28
CA SER A 193 13.30 0.85 -33.69
C SER A 193 12.41 0.20 -32.63
N THR A 194 12.24 0.84 -31.47
CA THR A 194 11.57 0.22 -30.34
C THR A 194 10.54 1.21 -29.83
N ASN A 195 9.29 0.78 -29.69
CA ASN A 195 8.26 1.68 -29.18
C ASN A 195 7.07 0.90 -28.65
N LEU A 196 6.17 1.62 -27.97
CA LEU A 196 5.04 0.97 -27.33
C LEU A 196 4.18 0.19 -28.32
N ALA A 197 3.85 0.81 -29.46
CA ALA A 197 2.94 0.15 -30.40
C ALA A 197 3.52 -1.16 -30.88
N THR A 198 4.79 -1.14 -31.31
CA THR A 198 5.43 -2.34 -31.82
C THR A 198 5.51 -3.41 -30.75
N SER A 199 5.85 -3.01 -29.52
CA SER A 199 6.01 -3.98 -28.45
C SER A 199 4.69 -4.59 -28.04
N VAL A 200 3.62 -3.81 -28.04
CA VAL A 200 2.29 -4.36 -27.74
C VAL A 200 1.88 -5.38 -28.78
N ILE A 201 2.05 -5.03 -30.06
CA ILE A 201 1.62 -5.92 -31.13
C ILE A 201 2.43 -7.22 -31.13
N GLU A 202 3.68 -7.15 -30.68
CA GLU A 202 4.56 -8.34 -30.66
C GLU A 202 4.13 -9.37 -29.61
N LYS A 203 3.43 -8.96 -28.56
CA LYS A 203 3.07 -9.92 -27.52
C LYS A 203 2.20 -11.02 -28.08
N ASN A 204 2.40 -12.24 -27.58
CA ASN A 204 1.60 -13.36 -28.03
C ASN A 204 0.14 -13.16 -27.62
N TRP A 205 -0.76 -13.23 -28.60
CA TRP A 205 -2.16 -13.00 -28.29
C TRP A 205 -2.72 -14.20 -27.53
N LEU A 206 -3.43 -13.94 -26.42
CA LEU A 206 -3.87 -15.01 -25.53
C LEU A 206 -5.31 -15.41 -25.76
N GLY A 207 -5.93 -14.91 -26.82
CA GLY A 207 -7.23 -15.40 -27.26
C GLY A 207 -8.39 -14.51 -26.88
N GLU A 208 -9.60 -15.05 -27.06
CA GLU A 208 -10.82 -14.30 -26.81
C GLU A 208 -10.95 -13.91 -25.35
N ASN A 209 -11.83 -12.95 -25.09
CA ASN A 209 -12.24 -12.57 -23.75
C ASN A 209 -11.19 -11.74 -23.00
N GLY A 210 -10.30 -11.11 -23.74
CA GLY A 210 -9.35 -10.19 -23.13
C GLY A 210 -10.00 -8.87 -22.77
N SER A 211 -9.44 -8.21 -21.78
CA SER A 211 -9.83 -6.88 -21.38
C SER A 211 -8.61 -5.98 -21.47
N VAL A 212 -8.78 -4.81 -22.07
CA VAL A 212 -7.67 -3.94 -22.42
C VAL A 212 -7.78 -2.60 -21.72
N TRP A 213 -6.61 -2.07 -21.30
CA TRP A 213 -6.49 -0.71 -20.79
C TRP A 213 -5.23 -0.13 -21.38
N CYS A 214 -5.34 1.02 -22.04
CA CYS A 214 -4.20 1.61 -22.72
C CYS A 214 -4.32 3.12 -22.68
N ALA A 215 -3.25 3.79 -22.22
CA ALA A 215 -3.19 5.25 -22.17
C ALA A 215 -1.78 5.64 -22.59
N CYS A 216 -1.67 6.53 -23.56
CA CYS A 216 -0.40 6.75 -24.22
C CYS A 216 -0.50 7.96 -25.16
N GLU A 217 0.51 8.15 -25.99
CA GLU A 217 0.52 9.26 -26.94
C GLU A 217 -0.47 8.98 -28.07
N PHE A 218 -1.06 10.07 -28.58
CA PHE A 218 -2.18 10.03 -29.52
C PHE A 218 -1.99 9.05 -30.67
N ASP A 219 -0.85 9.09 -31.38
CA ASP A 219 -0.71 8.23 -32.55
C ASP A 219 -0.47 6.77 -32.17
N THR A 220 0.14 6.50 -31.01
CA THR A 220 0.16 5.13 -30.52
C THR A 220 -1.26 4.67 -30.19
N MET A 221 -2.03 5.55 -29.55
CA MET A 221 -3.43 5.24 -29.25
C MET A 221 -4.17 4.86 -30.52
N ARG A 222 -4.01 5.62 -31.60
CA ARG A 222 -4.76 5.34 -32.82
C ARG A 222 -4.37 4.00 -33.40
N ALA A 223 -3.08 3.71 -33.45
CA ALA A 223 -2.63 2.43 -34.00
C ALA A 223 -3.11 1.27 -33.15
N LEU A 224 -3.01 1.39 -31.83
CA LEU A 224 -3.40 0.27 -30.98
C LEU A 224 -4.91 0.13 -30.90
N ARG A 225 -5.67 1.22 -31.05
CA ARG A 225 -7.12 1.10 -31.12
C ARG A 225 -7.53 0.25 -32.32
N GLU A 226 -6.90 0.48 -33.47
CA GLU A 226 -7.18 -0.35 -34.63
C GLU A 226 -6.80 -1.81 -34.38
N TYR A 227 -5.64 -2.04 -33.76
CA TYR A 227 -5.20 -3.40 -33.45
C TYR A 227 -6.19 -4.12 -32.56
N PHE A 228 -6.55 -3.50 -31.43
CA PHE A 228 -7.39 -4.18 -30.45
C PHE A 228 -8.84 -4.30 -30.93
N ARG A 229 -9.42 -3.21 -31.43
CA ARG A 229 -10.85 -3.21 -31.75
C ARG A 229 -11.15 -3.96 -33.03
N ASN A 230 -10.32 -3.77 -34.05
CA ASN A 230 -10.60 -4.34 -35.36
C ASN A 230 -9.86 -5.65 -35.58
N GLU A 231 -8.52 -5.63 -35.53
CA GLU A 231 -7.78 -6.85 -35.81
C GLU A 231 -8.12 -7.94 -34.78
N LYS A 232 -8.16 -7.59 -33.51
CA LYS A 232 -8.39 -8.58 -32.45
C LYS A 232 -9.84 -8.62 -31.98
N GLU A 233 -10.71 -7.75 -32.50
CA GLU A 233 -12.15 -7.87 -32.30
C GLU A 233 -12.56 -7.73 -30.83
N ILE A 234 -11.87 -6.89 -30.08
CA ILE A 234 -12.28 -6.58 -28.71
C ILE A 234 -13.49 -5.65 -28.75
N ALA A 235 -14.56 -6.02 -28.04
CA ALA A 235 -15.74 -5.17 -27.98
C ALA A 235 -15.46 -3.92 -27.15
N LYS A 236 -16.25 -2.88 -27.41
CA LYS A 236 -15.99 -1.56 -26.84
C LYS A 236 -15.97 -1.60 -25.32
N ASP A 237 -16.86 -2.38 -24.71
CA ASP A 237 -16.90 -2.41 -23.26
C ASP A 237 -15.79 -3.26 -22.63
N TYR A 238 -14.93 -3.88 -23.44
CA TYR A 238 -13.74 -4.59 -22.95
C TYR A 238 -12.45 -3.87 -23.32
N ILE A 239 -12.53 -2.61 -23.70
CA ILE A 239 -11.32 -1.82 -23.92
C ILE A 239 -11.53 -0.39 -23.48
N TYR A 240 -10.61 0.12 -22.66
CA TYR A 240 -10.41 1.55 -22.44
C TYR A 240 -9.13 1.90 -23.15
N ILE A 241 -9.20 2.81 -24.11
CA ILE A 241 -8.01 3.25 -24.81
C ILE A 241 -8.12 4.74 -25.01
N SER A 242 -7.11 5.47 -24.56
CA SER A 242 -7.20 6.93 -24.51
C SER A 242 -5.83 7.55 -24.78
N SER A 243 -5.86 8.72 -25.40
CA SER A 243 -4.68 9.53 -25.59
C SER A 243 -4.50 10.45 -24.39
N TYR A 244 -3.30 10.45 -23.81
CA TYR A 244 -2.98 11.37 -22.72
C TYR A 244 -2.26 12.62 -23.23
N TRP A 245 -1.73 12.63 -24.45
CA TRP A 245 -1.04 13.78 -25.01
C TRP A 245 -0.77 13.50 -26.48
N LYS A 246 -0.46 14.57 -27.22
CA LYS A 246 -0.10 14.51 -28.63
C LYS A 246 1.21 15.26 -28.80
N ARG A 247 2.21 14.59 -29.36
CA ARG A 247 3.50 15.20 -29.54
CA ARG A 247 3.51 15.19 -29.54
C ARG A 247 3.40 16.42 -30.45
N GLY A 248 3.95 17.53 -29.98
CA GLY A 248 3.96 18.79 -30.72
C GLY A 248 2.75 19.68 -30.46
N VAL A 249 1.80 19.23 -29.67
CA VAL A 249 0.57 19.95 -29.39
C VAL A 249 0.41 20.07 -27.87
N SER A 250 0.02 21.24 -27.38
CA SER A 250 -0.22 21.41 -25.96
C SER A 250 -1.57 20.84 -25.55
N GLU A 251 -1.79 20.75 -24.23
CA GLU A 251 -3.02 20.15 -23.75
C GLU A 251 -4.25 20.88 -24.28
N ASP A 252 -4.20 22.21 -24.40
CA ASP A 252 -5.35 22.94 -24.90
C ASP A 252 -5.72 22.50 -26.33
N GLY A 253 -4.73 22.21 -27.16
CA GLY A 253 -4.98 21.67 -28.48
C GLY A 253 -5.38 20.21 -28.46
N HIS A 254 -4.76 19.44 -27.56
CA HIS A 254 -5.03 18.01 -27.45
C HIS A 254 -6.50 17.77 -27.13
N LYS A 255 -7.09 18.57 -26.25
CA LYS A 255 -8.50 18.34 -25.93
C LYS A 255 -9.37 18.55 -27.17
N GLN A 256 -8.98 19.51 -28.01
CA GLN A 256 -9.67 19.74 -29.28
C GLN A 256 -9.45 18.57 -30.25
N LEU A 257 -8.22 18.05 -30.33
CA LEU A 257 -7.92 16.93 -31.19
C LEU A 257 -8.72 15.70 -30.79
N LYS A 258 -8.94 15.53 -29.49
CA LYS A 258 -9.79 14.43 -29.06
C LYS A 258 -11.19 14.55 -29.63
N GLN A 259 -11.76 15.77 -29.63
CA GLN A 259 -13.09 15.94 -30.21
C GLN A 259 -13.08 15.65 -31.71
N THR A 260 -12.05 16.11 -32.41
CA THR A 260 -11.92 15.80 -33.84
C THR A 260 -11.85 14.30 -34.06
N ASP A 261 -11.04 13.60 -33.25
CA ASP A 261 -10.89 12.14 -33.41
C ASP A 261 -12.20 11.42 -33.10
N ALA A 262 -12.97 11.91 -32.12
CA ALA A 262 -14.25 11.29 -31.80
C ALA A 262 -15.24 11.39 -32.97
N GLN A 263 -15.20 12.49 -33.73
CA GLN A 263 -16.11 12.61 -34.87
C GLN A 263 -15.92 11.48 -35.87
N THR A 264 -14.76 10.82 -35.84
CA THR A 264 -14.59 9.53 -36.51
C THR A 264 -14.77 8.43 -35.47
N ARG B 12 -13.98 8.06 21.77
CA ARG B 12 -13.46 6.98 22.60
C ARG B 12 -13.03 7.49 23.98
N SER B 13 -13.12 6.62 25.00
CA SER B 13 -12.47 6.90 26.29
C SER B 13 -10.98 6.78 26.12
N PHE B 14 -10.27 7.84 26.52
CA PHE B 14 -8.82 7.92 26.43
C PHE B 14 -8.23 7.95 27.83
N TYR B 15 -7.14 7.21 28.02
CA TYR B 15 -6.51 7.02 29.32
C TYR B 15 -5.08 7.55 29.30
N PRO B 16 -4.74 8.52 30.13
CA PRO B 16 -3.37 9.06 30.13
C PRO B 16 -2.43 8.15 30.90
N LEU B 17 -1.27 7.89 30.33
CA LEU B 17 -0.27 7.03 30.93
C LEU B 17 1.08 7.72 30.89
N THR B 18 2.00 7.23 31.70
CA THR B 18 3.36 7.74 31.80
C THR B 18 4.34 6.66 31.41
N VAL B 19 5.39 7.05 30.70
CA VAL B 19 6.46 6.11 30.37
C VAL B 19 7.25 5.78 31.63
N ALA B 20 7.27 4.51 31.99
CA ALA B 20 8.00 4.04 33.14
C ALA B 20 9.34 3.38 32.76
N ASP B 21 9.48 2.86 31.55
CA ASP B 21 10.74 2.28 31.12
C ASP B 21 10.72 2.20 29.60
N SER B 22 11.92 2.10 29.05
CA SER B 22 12.14 1.93 27.61
C SER B 22 13.41 1.12 27.44
N GLN B 23 13.30 -0.02 26.75
CA GLN B 23 14.39 -0.98 26.65
C GLN B 23 14.46 -1.50 25.23
N GLN B 24 15.66 -1.59 24.71
CA GLN B 24 15.88 -2.26 23.43
C GLN B 24 16.06 -3.74 23.70
N ILE B 25 15.13 -4.55 23.23
CA ILE B 25 15.13 -5.99 23.53
C ILE B 25 15.94 -6.79 22.53
N SER B 26 15.90 -6.39 21.27
CA SER B 26 16.61 -7.09 20.21
C SER B 26 16.83 -6.08 19.09
N PRO B 27 17.54 -6.42 18.02
CA PRO B 27 17.85 -5.41 17.02
C PRO B 27 16.64 -4.67 16.49
N SER B 28 15.51 -5.34 16.32
CA SER B 28 14.35 -4.74 15.69
C SER B 28 13.26 -4.32 16.67
N LEU B 29 13.49 -4.41 17.98
CA LEU B 29 12.39 -4.30 18.95
C LEU B 29 12.72 -3.34 20.08
N GLN B 30 11.87 -2.35 20.28
CA GLN B 30 11.91 -1.45 21.43
C GLN B 30 10.68 -1.71 22.28
N ARG B 31 10.87 -2.00 23.57
CA ARG B 31 9.79 -2.28 24.48
C ARG B 31 9.58 -1.09 25.40
N ILE B 32 8.37 -0.53 25.38
CA ILE B 32 8.03 0.61 26.21
C ILE B 32 7.08 0.13 27.30
N THR B 33 7.34 0.54 28.54
CA THR B 33 6.45 0.25 29.67
C THR B 33 5.71 1.53 30.02
N LEU B 34 4.37 1.46 30.02
CA LEU B 34 3.49 2.55 30.38
C LEU B 34 2.78 2.21 31.68
N GLN B 35 2.53 3.23 32.47
CA GLN B 35 1.98 3.06 33.80
C GLN B 35 0.91 4.12 34.09
N GLY B 36 -0.11 3.72 34.82
CA GLY B 36 -1.07 4.68 35.34
C GLY B 36 -2.27 3.98 35.92
N ASP B 37 -2.87 4.59 36.95
CA ASP B 37 -4.08 4.02 37.52
C ASP B 37 -5.23 4.11 36.54
N SER B 38 -5.09 4.92 35.49
CA SER B 38 -6.15 5.07 34.52
C SER B 38 -6.44 3.76 33.81
N ILE B 39 -5.55 2.78 33.90
CA ILE B 39 -5.74 1.46 33.30
C ILE B 39 -5.86 0.35 34.35
N GLY B 40 -6.14 0.70 35.59
CA GLY B 40 -6.37 -0.35 36.58
C GLY B 40 -7.60 -1.17 36.33
N HIS B 41 -8.43 -0.74 35.40
CA HIS B 41 -9.61 -1.51 35.04
C HIS B 41 -9.32 -2.56 33.97
N PHE B 42 -8.12 -2.61 33.41
CA PHE B 42 -7.75 -3.72 32.54
C PHE B 42 -7.61 -4.99 33.39
N THR B 43 -7.51 -6.15 32.72
CA THR B 43 -7.10 -7.36 33.40
C THR B 43 -6.10 -8.13 32.54
N LEU B 44 -5.57 -9.24 33.08
CA LEU B 44 -4.63 -10.06 32.33
C LEU B 44 -5.27 -10.61 31.05
N GLU B 45 -6.60 -10.76 31.03
CA GLU B 45 -7.29 -11.17 29.82
C GLU B 45 -6.96 -10.27 28.63
N ASN B 46 -6.58 -9.03 28.90
CA ASN B 46 -6.26 -8.06 27.85
C ASN B 46 -4.87 -8.24 27.25
N GLU B 47 -4.02 -9.12 27.78
CA GLU B 47 -2.78 -9.39 27.07
C GLU B 47 -3.10 -9.94 25.69
N GLY B 48 -2.48 -9.37 24.68
CA GLY B 48 -2.75 -9.75 23.30
C GLY B 48 -3.79 -8.91 22.61
N ASP B 49 -4.61 -8.17 23.36
CA ASP B 49 -5.59 -7.26 22.79
C ASP B 49 -4.89 -6.03 22.24
N TYR B 50 -5.61 -5.27 21.44
CA TYR B 50 -5.03 -4.08 20.83
C TYR B 50 -5.56 -2.80 21.45
N ILE B 51 -4.69 -1.80 21.45
CA ILE B 51 -4.99 -0.47 21.94
CA ILE B 51 -5.00 -0.47 21.93
C ILE B 51 -4.64 0.53 20.84
N LYS B 52 -5.10 1.75 21.03
CA LYS B 52 -4.82 2.86 20.13
C LYS B 52 -3.98 3.88 20.87
N LEU B 53 -2.83 4.20 20.32
CA LEU B 53 -2.01 5.31 20.79
C LEU B 53 -2.48 6.58 20.10
N LEU B 54 -2.59 7.66 20.86
CA LEU B 54 -3.17 8.92 20.38
C LEU B 54 -2.10 9.96 20.11
N PHE B 55 -2.11 10.49 18.90
CA PHE B 55 -1.18 11.54 18.46
C PHE B 55 -1.92 12.73 17.87
N SER B 56 -1.26 13.88 17.87
CA SER B 56 -1.68 15.00 17.04
C SER B 56 -1.00 14.91 15.68
N GLU B 57 -1.46 15.75 14.75
CA GLU B 57 -0.98 15.71 13.38
C GLU B 57 0.51 16.01 13.24
N ASP B 58 1.11 16.70 14.20
CA ASP B 58 2.53 16.96 14.18
C ASP B 58 3.35 15.83 14.80
N GLY B 59 2.72 14.72 15.17
CA GLY B 59 3.42 13.61 15.78
C GLY B 59 3.54 13.71 17.29
N GLY B 60 3.06 14.79 17.89
CA GLY B 60 3.10 14.93 19.32
C GLY B 60 2.03 14.12 20.02
N THR B 61 2.14 14.08 21.34
CA THR B 61 1.22 13.32 22.19
C THR B 61 0.39 14.19 23.10
N ASP B 62 0.54 15.52 23.00
CA ASP B 62 -0.15 16.55 23.80
C ASP B 62 0.76 17.03 24.93
N ARG B 71 -7.57 17.59 15.32
CA ARG B 71 -7.51 16.30 14.63
C ARG B 71 -6.63 15.28 15.36
N GLN B 72 -7.16 14.07 15.56
CA GLN B 72 -6.47 13.00 16.28
C GLN B 72 -6.04 11.91 15.33
N ILE B 73 -4.80 11.46 15.49
CA ILE B 73 -4.21 10.39 14.68
C ILE B 73 -3.93 9.23 15.62
N MET B 74 -4.42 8.05 15.28
CA MET B 74 -4.22 6.86 16.13
C MET B 74 -3.29 5.85 15.46
N ARG B 75 -2.60 5.07 16.31
CA ARG B 75 -1.79 3.96 15.86
C ARG B 75 -2.11 2.74 16.70
N THR B 76 -2.19 1.58 16.06
CA THR B 76 -2.68 0.36 16.71
C THR B 76 -1.53 -0.55 17.16
N TYR B 77 -1.52 -0.89 18.44
CA TYR B 77 -0.48 -1.72 19.03
C TYR B 77 -1.11 -2.73 19.96
N THR B 78 -0.35 -3.79 20.22
CA THR B 78 -0.79 -4.86 21.10
C THR B 78 -0.31 -4.65 22.53
N ILE B 79 -1.15 -5.01 23.49
CA ILE B 79 -0.73 -5.11 24.88
C ILE B 79 0.15 -6.35 24.99
N ARG B 80 1.46 -6.17 25.06
CA ARG B 80 2.36 -7.31 25.13
C ARG B 80 2.24 -8.00 26.49
N SER B 81 2.10 -7.23 27.56
CA SER B 81 1.94 -7.75 28.91
C SER B 81 1.18 -6.74 29.74
N PHE B 82 0.54 -7.23 30.80
CA PHE B 82 -0.18 -6.42 31.77
C PHE B 82 0.20 -6.85 33.17
N ASP B 83 0.57 -5.87 33.99
CA ASP B 83 0.89 -6.03 35.39
C ASP B 83 -0.25 -5.44 36.20
N ALA B 84 -1.06 -6.33 36.78
CA ALA B 84 -2.24 -5.93 37.51
C ALA B 84 -1.92 -5.43 38.92
N THR B 85 -0.70 -5.63 39.38
CA THR B 85 -0.35 -5.08 40.68
C THR B 85 0.01 -3.60 40.56
N ASN B 86 0.88 -3.26 39.62
CA ASN B 86 1.41 -1.92 39.48
C ASN B 86 0.78 -1.12 38.37
N ASN B 87 -0.22 -1.67 37.68
CA ASN B 87 -0.93 -0.98 36.60
C ASN B 87 0.03 -0.51 35.50
N ARG B 88 0.73 -1.49 34.95
CA ARG B 88 1.67 -1.26 33.87
C ARG B 88 1.35 -2.18 32.70
N ILE B 89 1.57 -1.66 31.49
CA ILE B 89 1.57 -2.48 30.27
C ILE B 89 2.91 -2.32 29.57
N GLU B 90 3.31 -3.38 28.88
CA GLU B 90 4.41 -3.30 27.92
C GLU B 90 3.86 -3.32 26.51
N ILE B 91 4.46 -2.49 25.66
CA ILE B 91 4.16 -2.44 24.24
C ILE B 91 5.46 -2.65 23.49
N ASP B 92 5.45 -3.56 22.53
CA ASP B 92 6.62 -3.88 21.73
C ASP B 92 6.50 -3.19 20.37
N PHE B 93 7.44 -2.31 20.07
CA PHE B 93 7.47 -1.56 18.83
C PHE B 93 8.53 -2.12 17.90
N VAL B 94 8.12 -2.50 16.69
CA VAL B 94 9.10 -2.81 15.66
C VAL B 94 9.83 -1.52 15.30
N ARG B 95 11.17 -1.55 15.32
CA ARG B 95 12.01 -0.37 15.07
C ARG B 95 12.16 -0.15 13.57
N HIS B 96 11.04 0.10 12.90
CA HIS B 96 11.03 0.15 11.45
C HIS B 96 11.54 1.49 10.92
N GLU B 97 12.10 1.45 9.73
CA GLU B 97 12.51 2.68 9.08
C GLU B 97 11.30 3.60 8.94
N ALA B 98 11.54 4.89 9.12
CA ALA B 98 10.51 5.90 9.03
C ALA B 98 11.09 7.06 8.25
N GLU B 99 11.38 6.79 6.97
CA GLU B 99 11.95 7.81 6.09
C GLU B 99 11.02 9.01 5.95
N ASP B 100 9.70 8.77 5.88
CA ASP B 100 8.72 9.84 5.73
C ASP B 100 8.62 10.61 7.03
N LYS B 101 9.12 11.85 7.03
CA LYS B 101 9.18 12.66 8.24
C LYS B 101 7.81 13.06 8.75
N GLN B 102 6.75 12.98 7.93
CA GLN B 102 5.41 13.36 8.34
C GLN B 102 4.54 12.16 8.68
N CYS B 103 5.13 10.97 8.74
CA CYS B 103 4.46 9.80 9.28
CA CYS B 103 4.47 9.80 9.29
C CYS B 103 5.45 9.07 10.19
N GLY B 104 5.15 7.81 10.54
CA GLY B 104 6.00 7.07 11.43
C GLY B 104 5.90 7.61 12.83
N PHE B 105 4.71 8.09 13.19
CA PHE B 105 4.52 8.72 14.49
C PHE B 105 4.86 7.76 15.63
N ALA B 106 4.35 6.53 15.56
CA ALA B 106 4.50 5.62 16.70
C ALA B 106 5.93 5.15 16.87
N VAL B 107 6.58 4.67 15.81
CA VAL B 107 7.96 4.20 15.98
C VAL B 107 8.85 5.36 16.39
N ARG B 108 8.64 6.54 15.82
CA ARG B 108 9.52 7.65 16.15
C ARG B 108 9.31 8.06 17.60
N TRP B 109 8.05 8.06 18.05
CA TRP B 109 7.79 8.31 19.45
C TRP B 109 8.49 7.30 20.34
N ALA B 110 8.31 6.01 20.05
CA ALA B 110 8.86 4.99 20.93
C ALA B 110 10.38 5.03 20.99
N MET B 111 11.03 5.35 19.87
CA MET B 111 12.47 5.37 19.84
C MET B 111 13.06 6.57 20.57
N HIS B 112 12.26 7.59 20.84
CA HIS B 112 12.77 8.80 21.45
C HIS B 112 12.11 9.14 22.79
N THR B 113 11.06 8.44 23.18
CA THR B 113 10.32 8.88 24.35
C THR B 113 11.16 8.69 25.60
N ALA B 114 10.98 9.61 26.53
CA ALA B 114 11.75 9.65 27.75
C ALA B 114 10.92 9.13 28.92
N ILE B 115 11.60 8.50 29.87
CA ILE B 115 10.94 8.11 31.10
C ILE B 115 10.30 9.37 31.71
N GLY B 116 9.01 9.29 32.05
CA GLY B 116 8.29 10.43 32.54
C GLY B 116 7.42 11.11 31.50
N ASP B 117 7.64 10.84 30.22
CA ASP B 117 6.78 11.37 29.20
C ASP B 117 5.39 10.76 29.31
N THR B 118 4.42 11.42 28.67
CA THR B 118 3.04 10.97 28.74
C THR B 118 2.48 10.69 27.35
N ILE B 119 1.51 9.79 27.30
CA ILE B 119 0.77 9.47 26.09
C ILE B 119 -0.57 8.92 26.55
N SER B 120 -1.61 9.17 25.75
CA SER B 120 -2.92 8.61 26.04
C SER B 120 -3.24 7.47 25.08
N ILE B 121 -4.02 6.49 25.58
CA ILE B 121 -4.43 5.34 24.80
C ILE B 121 -5.93 5.14 24.88
N ALA B 122 -6.48 4.44 23.90
CA ALA B 122 -7.84 3.95 23.95
C ALA B 122 -7.84 2.44 23.80
N GLY B 123 -8.96 1.82 24.19
CA GLY B 123 -9.15 0.38 24.12
C GLY B 123 -9.23 -0.23 25.51
N PRO B 124 -9.00 -1.55 25.60
CA PRO B 124 -8.61 -2.47 24.52
C PRO B 124 -9.75 -2.99 23.68
N GLY B 125 -9.42 -3.40 22.45
CA GLY B 125 -10.32 -4.14 21.61
C GLY B 125 -9.85 -5.59 21.61
N LYS B 126 -10.80 -6.51 21.49
CA LYS B 126 -10.48 -7.90 21.71
C LYS B 126 -9.78 -8.44 20.49
N ALA B 127 -8.65 -9.10 20.73
CA ALA B 127 -7.91 -9.70 19.64
C ALA B 127 -8.57 -11.02 19.26
N GLN B 128 -8.68 -11.26 17.96
CA GLN B 128 -9.24 -12.52 17.49
C GLN B 128 -8.22 -13.64 17.66
N GLY B 129 -8.72 -14.83 17.98
CA GLY B 129 -7.88 -15.97 18.26
C GLY B 129 -8.14 -17.17 17.36
N LEU B 130 -7.42 -18.24 17.65
CA LEU B 130 -7.61 -19.54 17.01
C LEU B 130 -8.96 -20.15 17.37
N ASN B 131 -9.59 -20.80 16.40
CA ASN B 131 -10.76 -21.61 16.71
C ASN B 131 -10.29 -22.78 17.58
N PRO B 132 -10.74 -22.89 18.83
CA PRO B 132 -10.22 -23.95 19.71
C PRO B 132 -10.64 -25.35 19.31
N ASN B 133 -11.55 -25.50 18.35
CA ASN B 133 -12.05 -26.81 17.97
C ASN B 133 -11.20 -27.49 16.91
N GLY B 134 -10.14 -26.86 16.43
CA GLY B 134 -9.24 -27.53 15.50
C GLY B 134 -8.53 -28.72 16.15
N LYS B 135 -8.12 -29.68 15.30
CA LYS B 135 -7.32 -30.80 15.76
C LYS B 135 -5.84 -30.44 15.90
N TRP B 136 -5.42 -29.37 15.25
CA TRP B 136 -4.05 -28.90 15.27
C TRP B 136 -4.11 -27.44 14.86
N PHE B 137 -2.99 -26.73 15.07
CA PHE B 137 -2.96 -25.28 15.00
C PHE B 137 -1.78 -24.82 14.17
N PHE B 138 -2.01 -23.81 13.34
CA PHE B 138 -0.99 -23.25 12.47
C PHE B 138 -1.01 -21.75 12.69
N LEU B 139 0.02 -21.23 13.36
CA LEU B 139 0.15 -19.81 13.64
C LEU B 139 1.29 -19.25 12.79
N ALA B 140 1.11 -18.02 12.32
CA ALA B 140 2.09 -17.35 11.50
C ALA B 140 2.09 -15.86 11.84
N ALA B 141 3.29 -15.27 11.87
CA ALA B 141 3.40 -13.86 12.26
C ALA B 141 4.64 -13.25 11.63
N ASP B 142 4.57 -11.94 11.31
CA ASP B 142 5.79 -11.15 11.21
C ASP B 142 6.00 -10.42 12.54
N MET B 143 6.98 -9.54 12.59
CA MET B 143 7.36 -8.99 13.89
C MET B 143 6.27 -8.14 14.51
N THR B 144 5.40 -7.52 13.71
CA THR B 144 4.32 -6.70 14.28
C THR B 144 3.33 -7.54 15.07
N ALA B 145 3.29 -8.84 14.82
CA ALA B 145 2.30 -9.74 15.36
C ALA B 145 2.85 -10.69 16.42
N ILE B 146 4.14 -10.58 16.77
CA ILE B 146 4.69 -11.47 17.80
C ILE B 146 3.97 -11.29 19.13
N PRO B 147 3.71 -10.08 19.62
CA PRO B 147 3.01 -9.96 20.91
C PRO B 147 1.65 -10.63 20.90
N ALA B 148 0.89 -10.49 19.81
CA ALA B 148 -0.43 -11.14 19.72
C ALA B 148 -0.28 -12.65 19.59
N LEU B 149 0.69 -13.11 18.82
CA LEU B 149 0.90 -14.54 18.67
C LEU B 149 1.30 -15.17 20.01
N ALA B 150 2.15 -14.50 20.77
CA ALA B 150 2.60 -15.01 22.05
C ALA B 150 1.41 -15.24 22.96
N ALA B 151 0.43 -14.32 22.95
CA ALA B 151 -0.75 -14.49 23.76
C ALA B 151 -1.58 -15.68 23.30
N GLN B 152 -1.66 -15.90 21.97
CA GLN B 152 -2.36 -17.08 21.46
C GLN B 152 -1.71 -18.37 21.92
N LEU B 153 -0.38 -18.42 21.89
CA LEU B 153 0.30 -19.65 22.33
C LEU B 153 0.01 -19.95 23.80
N LYS B 154 -0.09 -18.92 24.64
CA LYS B 154 -0.36 -19.13 26.05
C LYS B 154 -1.77 -19.68 26.27
N ARG B 155 -2.71 -19.31 25.41
CA ARG B 155 -4.09 -19.74 25.56
C ARG B 155 -4.29 -21.20 25.16
N LEU B 156 -3.41 -21.74 24.34
CA LEU B 156 -3.62 -23.09 23.85
C LEU B 156 -3.48 -24.12 24.96
N PRO B 157 -4.21 -25.22 24.87
CA PRO B 157 -3.97 -26.33 25.81
C PRO B 157 -2.56 -26.86 25.66
N ARG B 158 -2.04 -27.42 26.76
CA ARG B 158 -0.67 -27.87 26.78
C ARG B 158 -0.41 -29.05 25.85
N ASP B 159 -1.45 -29.77 25.41
CA ASP B 159 -1.29 -30.88 24.48
C ASP B 159 -1.47 -30.46 23.03
N ALA B 160 -1.59 -29.17 22.75
CA ALA B 160 -1.80 -28.72 21.39
C ALA B 160 -0.61 -29.05 20.49
N LYS B 161 -0.91 -29.34 19.23
CA LYS B 161 0.12 -29.65 18.25
C LYS B 161 -0.04 -28.76 17.02
N GLY B 162 1.08 -28.58 16.33
CA GLY B 162 1.10 -27.80 15.10
C GLY B 162 2.37 -27.01 14.92
N TYR B 163 2.22 -25.79 14.41
CA TYR B 163 3.34 -24.94 14.03
C TYR B 163 3.10 -23.50 14.45
N ALA B 164 4.19 -22.79 14.74
CA ALA B 164 4.20 -21.33 14.79
C ALA B 164 5.40 -20.89 13.99
N VAL B 165 5.17 -20.17 12.89
CA VAL B 165 6.22 -19.71 11.99
C VAL B 165 6.28 -18.19 12.11
N ILE B 166 7.45 -17.67 12.45
CA ILE B 166 7.61 -16.24 12.74
C ILE B 166 8.72 -15.68 11.88
N GLU B 167 8.42 -14.65 11.11
CA GLU B 167 9.43 -13.96 10.31
C GLU B 167 10.03 -12.83 11.12
N ILE B 168 11.37 -12.77 11.13
CA ILE B 168 12.14 -11.73 11.81
C ILE B 168 13.12 -11.10 10.85
N GLU B 169 13.54 -9.88 11.17
CA GLU B 169 14.47 -9.16 10.32
CA GLU B 169 14.48 -9.15 10.32
C GLU B 169 15.93 -9.51 10.60
N HIS B 170 16.27 -9.89 11.83
CA HIS B 170 17.62 -10.21 12.23
C HIS B 170 17.56 -11.44 13.11
N VAL B 171 18.59 -12.28 12.98
CA VAL B 171 18.62 -13.54 13.74
C VAL B 171 18.45 -13.32 15.25
N ASP B 172 18.98 -12.22 15.79
CA ASP B 172 18.90 -11.92 17.20
C ASP B 172 17.49 -11.50 17.66
N ASP B 173 16.56 -11.32 16.73
CA ASP B 173 15.19 -10.98 17.11
C ASP B 173 14.41 -12.17 17.66
N LYS B 174 14.95 -13.39 17.58
CA LYS B 174 14.29 -14.53 18.19
C LYS B 174 14.05 -14.30 19.67
N GLN B 175 12.88 -14.73 20.15
CA GLN B 175 12.49 -14.69 21.54
C GLN B 175 12.19 -16.10 22.03
N ALA B 176 12.28 -16.29 23.34
CA ALA B 176 11.84 -17.50 24.01
C ALA B 176 10.36 -17.34 24.33
N LEU B 177 9.51 -18.12 23.67
CA LEU B 177 8.07 -18.03 23.86
C LEU B 177 7.56 -19.23 24.65
N GLN B 178 6.62 -18.98 25.54
CA GLN B 178 5.94 -20.04 26.28
C GLN B 178 4.93 -20.68 25.34
N ALA B 179 5.04 -21.98 25.09
CA ALA B 179 4.16 -22.60 24.11
C ALA B 179 3.98 -24.06 24.46
N PRO B 180 2.89 -24.67 24.01
CA PRO B 180 2.75 -26.12 24.15
C PRO B 180 3.95 -26.82 23.52
N GLU B 181 4.36 -27.91 24.15
CA GLU B 181 5.55 -28.65 23.73
C GLU B 181 5.50 -29.04 22.24
N ASN B 182 4.33 -29.43 21.76
CA ASN B 182 4.20 -29.98 20.41
C ASN B 182 3.79 -28.95 19.37
N ILE B 183 3.84 -27.67 19.70
CA ILE B 183 3.80 -26.60 18.71
C ILE B 183 5.25 -26.35 18.30
N GLU B 184 5.59 -26.68 17.06
CA GLU B 184 6.94 -26.48 16.55
C GLU B 184 7.11 -25.03 16.13
N ILE B 185 7.99 -24.30 16.81
CA ILE B 185 8.22 -22.89 16.55
C ILE B 185 9.41 -22.77 15.62
N SER B 186 9.26 -22.00 14.55
CA SER B 186 10.36 -21.70 13.64
CA SER B 186 10.38 -21.70 13.67
C SER B 186 10.49 -20.18 13.53
N TRP B 187 11.71 -19.71 13.61
CA TRP B 187 12.06 -18.32 13.44
C TRP B 187 12.84 -18.21 12.13
N VAL B 188 12.28 -17.48 11.16
CA VAL B 188 12.88 -17.38 9.83
C VAL B 188 13.29 -15.94 9.55
N VAL B 189 14.55 -15.75 9.20
CA VAL B 189 15.08 -14.42 8.91
C VAL B 189 14.81 -14.05 7.46
N LYS B 190 14.11 -12.94 7.26
CA LYS B 190 13.74 -12.50 5.92
C LYS B 190 14.97 -12.11 5.12
N ASP B 191 15.07 -12.61 3.89
CA ASP B 191 16.08 -12.19 2.93
C ASP B 191 15.58 -12.56 1.54
N SER B 192 16.47 -12.49 0.55
CA SER B 192 16.05 -12.69 -0.83
C SER B 192 15.56 -14.10 -1.11
N SER B 193 15.82 -15.07 -0.24
CA SER B 193 15.39 -16.46 -0.44
C SER B 193 14.38 -16.93 0.60
N THR B 194 14.08 -16.11 1.59
CA THR B 194 13.31 -16.54 2.75
C THR B 194 12.33 -15.47 3.16
N ASN B 195 11.07 -15.86 3.35
CA ASN B 195 10.05 -14.94 3.85
C ASN B 195 8.94 -15.75 4.48
N LEU B 196 8.05 -15.05 5.16
CA LEU B 196 6.98 -15.73 5.89
C LEU B 196 6.13 -16.58 4.96
N ALA B 197 5.74 -16.04 3.81
CA ALA B 197 4.84 -16.78 2.92
C ALA B 197 5.45 -18.09 2.49
N THR B 198 6.69 -18.06 2.02
CA THR B 198 7.33 -19.28 1.54
CA THR B 198 7.33 -19.28 1.54
C THR B 198 7.56 -20.27 2.68
N SER B 199 7.96 -19.78 3.86
CA SER B 199 8.22 -20.67 4.98
C SER B 199 6.93 -21.34 5.47
N VAL B 200 5.81 -20.63 5.43
CA VAL B 200 4.52 -21.21 5.82
C VAL B 200 4.11 -22.30 4.82
N ILE B 201 4.18 -21.97 3.52
CA ILE B 201 3.75 -22.91 2.50
C ILE B 201 4.61 -24.17 2.50
N GLU B 202 5.88 -24.04 2.91
CA GLU B 202 6.80 -25.18 2.93
C GLU B 202 6.42 -26.21 3.98
N LYS B 203 5.75 -25.81 5.05
CA LYS B 203 5.50 -26.73 6.15
C LYS B 203 4.63 -27.89 5.68
N ASN B 204 4.97 -29.08 6.16
CA ASN B 204 4.20 -30.27 5.84
C ASN B 204 2.82 -30.18 6.47
N TRP B 205 1.79 -30.39 5.66
CA TRP B 205 0.44 -30.28 6.17
C TRP B 205 0.15 -31.42 7.13
N LEU B 206 -0.53 -31.11 8.23
CA LEU B 206 -0.76 -32.05 9.32
C LEU B 206 -2.17 -32.65 9.31
N GLY B 207 -2.87 -32.57 8.18
CA GLY B 207 -4.08 -33.32 8.03
C GLY B 207 -5.32 -32.49 8.28
N GLU B 208 -6.42 -33.20 8.53
CA GLU B 208 -7.73 -32.58 8.58
C GLU B 208 -7.88 -31.65 9.79
N ASN B 209 -8.77 -30.67 9.63
CA ASN B 209 -9.33 -29.89 10.73
C ASN B 209 -8.31 -28.98 11.41
N GLY B 210 -7.44 -28.38 10.62
CA GLY B 210 -6.53 -27.39 11.17
C GLY B 210 -7.22 -26.07 11.47
N SER B 211 -6.70 -25.39 12.50
CA SER B 211 -7.12 -24.04 12.85
CA SER B 211 -7.11 -24.04 12.85
C SER B 211 -5.94 -23.11 12.63
N VAL B 212 -6.18 -21.99 11.94
CA VAL B 212 -5.12 -21.11 11.49
C VAL B 212 -5.24 -19.73 12.14
N TRP B 213 -4.10 -19.13 12.44
CA TRP B 213 -4.02 -17.75 12.95
C TRP B 213 -2.84 -17.12 12.24
N CYS B 214 -3.05 -15.99 11.57
CA CYS B 214 -1.98 -15.36 10.80
C CYS B 214 -2.16 -13.86 10.78
N ALA B 215 -1.12 -13.12 11.17
CA ALA B 215 -1.13 -11.66 11.14
C ALA B 215 0.22 -11.18 10.66
N CYS B 216 0.22 -10.32 9.65
CA CYS B 216 1.47 -10.03 8.94
C CYS B 216 1.23 -8.86 7.98
N GLU B 217 2.20 -8.60 7.11
CA GLU B 217 2.07 -7.53 6.14
C GLU B 217 1.04 -7.90 5.08
N PHE B 218 0.38 -6.86 4.57
CA PHE B 218 -0.78 -6.97 3.67
C PHE B 218 -0.60 -7.99 2.53
N ASP B 219 0.50 -7.91 1.79
CA ASP B 219 0.62 -8.79 0.62
C ASP B 219 0.90 -10.23 1.02
N THR B 220 1.63 -10.45 2.14
CA THR B 220 1.76 -11.81 2.66
C THR B 220 0.41 -12.35 3.14
N MET B 221 -0.38 -11.49 3.79
CA MET B 221 -1.71 -11.87 4.22
C MET B 221 -2.53 -12.38 3.03
N ARG B 222 -2.55 -11.65 1.93
CA ARG B 222 -3.39 -12.07 0.82
C ARG B 222 -2.88 -13.38 0.22
N ALA B 223 -1.57 -13.53 0.11
CA ALA B 223 -1.02 -14.74 -0.48
C ALA B 223 -1.31 -15.95 0.39
N LEU B 224 -1.14 -15.82 1.72
CA LEU B 224 -1.40 -16.93 2.62
C LEU B 224 -2.89 -17.20 2.78
N ARG B 225 -3.73 -16.17 2.67
CA ARG B 225 -5.16 -16.41 2.69
C ARG B 225 -5.58 -17.29 1.52
N GLU B 226 -5.03 -17.04 0.34
CA GLU B 226 -5.30 -17.88 -0.82
C GLU B 226 -4.84 -19.31 -0.57
N TYR B 227 -3.63 -19.48 -0.01
CA TYR B 227 -3.12 -20.82 0.27
C TYR B 227 -4.03 -21.57 1.24
N PHE B 228 -4.35 -20.94 2.37
CA PHE B 228 -5.12 -21.62 3.41
C PHE B 228 -6.56 -21.85 2.98
N ARG B 229 -7.22 -20.82 2.44
CA ARG B 229 -8.65 -20.92 2.16
C ARG B 229 -8.92 -21.75 0.91
N ASN B 230 -8.12 -21.59 -0.12
CA ASN B 230 -8.38 -22.27 -1.38
C ASN B 230 -7.59 -23.57 -1.47
N GLU B 231 -6.26 -23.50 -1.46
CA GLU B 231 -5.47 -24.72 -1.63
C GLU B 231 -5.73 -25.72 -0.52
N LYS B 232 -5.74 -25.26 0.73
CA LYS B 232 -5.89 -26.17 1.86
C LYS B 232 -7.33 -26.24 2.35
N GLU B 233 -8.24 -25.49 1.76
CA GLU B 233 -9.67 -25.65 2.01
C GLU B 233 -10.05 -25.39 3.46
N ILE B 234 -9.36 -24.48 4.13
CA ILE B 234 -9.74 -24.09 5.48
C ILE B 234 -10.96 -23.19 5.39
N ALA B 235 -12.01 -23.54 6.14
CA ALA B 235 -13.22 -22.75 6.15
C ALA B 235 -13.00 -21.43 6.90
N LYS B 236 -13.81 -20.43 6.57
CA LYS B 236 -13.65 -19.09 7.15
C LYS B 236 -13.63 -19.14 8.67
N ASP B 237 -14.46 -19.99 9.29
CA ASP B 237 -14.51 -20.00 10.74
C ASP B 237 -13.35 -20.76 11.39
N TYR B 238 -12.44 -21.35 10.61
CA TYR B 238 -11.24 -21.98 11.13
C TYR B 238 -9.96 -21.23 10.75
N ILE B 239 -10.08 -19.97 10.34
CA ILE B 239 -8.90 -19.16 10.09
C ILE B 239 -9.14 -17.71 10.51
N TYR B 240 -8.23 -17.17 11.31
CA TYR B 240 -8.06 -15.73 11.47
C TYR B 240 -6.85 -15.32 10.67
N ILE B 241 -7.04 -14.45 9.69
CA ILE B 241 -5.92 -13.99 8.88
C ILE B 241 -6.14 -12.51 8.61
N SER B 242 -5.14 -11.70 8.97
CA SER B 242 -5.33 -10.27 8.98
C SER B 242 -4.03 -9.56 8.64
N SER B 243 -4.18 -8.41 8.00
CA SER B 243 -3.08 -7.52 7.71
C SER B 243 -2.89 -6.54 8.87
N TYR B 244 -1.66 -6.45 9.36
CA TYR B 244 -1.32 -5.48 10.40
C TYR B 244 -0.66 -4.22 9.86
N TRP B 245 -0.19 -4.23 8.63
CA TRP B 245 0.43 -3.05 8.01
C TRP B 245 0.61 -3.32 6.53
N LYS B 246 0.84 -2.26 5.77
CA LYS B 246 1.11 -2.32 4.33
C LYS B 246 2.34 -1.49 4.05
N ARG B 247 3.36 -2.10 3.47
CA ARG B 247 4.61 -1.40 3.19
C ARG B 247 4.36 -0.20 2.28
N GLY B 248 4.86 0.96 2.70
CA GLY B 248 4.75 2.18 1.93
C GLY B 248 3.53 3.02 2.22
N VAL B 249 2.64 2.56 3.09
CA VAL B 249 1.37 3.22 3.39
C VAL B 249 1.26 3.35 4.89
N SER B 250 0.86 4.52 5.37
CA SER B 250 0.69 4.69 6.80
C SER B 250 -0.59 4.00 7.28
N GLU B 251 -0.73 3.91 8.61
CA GLU B 251 -1.88 3.20 9.17
C GLU B 251 -3.20 3.79 8.68
N ASP B 252 -3.26 5.12 8.54
CA ASP B 252 -4.52 5.72 8.09
C ASP B 252 -4.93 5.22 6.72
N GLY B 253 -3.97 5.00 5.82
CA GLY B 253 -4.26 4.41 4.52
C GLY B 253 -4.46 2.91 4.61
N HIS B 254 -3.66 2.25 5.47
CA HIS B 254 -3.79 0.81 5.62
C HIS B 254 -5.19 0.42 6.01
N LYS B 255 -5.79 1.15 6.96
CA LYS B 255 -7.12 0.75 7.38
C LYS B 255 -8.10 0.82 6.24
N GLN B 256 -7.93 1.79 5.33
CA GLN B 256 -8.79 1.86 4.15
C GLN B 256 -8.54 0.67 3.22
N LEU B 257 -7.28 0.36 2.93
CA LEU B 257 -6.97 -0.76 2.05
C LEU B 257 -7.49 -2.07 2.63
N LYS B 258 -7.38 -2.22 3.95
CA LYS B 258 -7.82 -3.44 4.61
C LYS B 258 -9.33 -3.61 4.48
N GLN B 259 -10.07 -2.51 4.61
CA GLN B 259 -11.52 -2.57 4.43
C GLN B 259 -11.89 -2.86 2.98
N THR B 260 -11.22 -2.22 2.02
CA THR B 260 -11.46 -2.50 0.60
C THR B 260 -11.18 -3.96 0.29
N ASP B 261 -10.09 -4.51 0.84
CA ASP B 261 -9.76 -5.92 0.64
C ASP B 261 -10.82 -6.83 1.27
N ALA B 262 -11.32 -6.45 2.44
CA ALA B 262 -12.35 -7.27 3.08
C ALA B 262 -13.58 -7.37 2.19
N GLN B 263 -13.89 -6.32 1.42
CA GLN B 263 -15.04 -6.36 0.52
C GLN B 263 -14.87 -7.40 -0.59
N THR B 264 -13.63 -7.69 -1.00
CA THR B 264 -13.42 -8.75 -1.99
C THR B 264 -13.68 -10.14 -1.44
N GLN B 265 -13.85 -10.28 -0.13
CA GLN B 265 -14.06 -11.59 0.49
C GLN B 265 -15.52 -11.77 0.88
#